data_7DWW
#
_entry.id   7DWW
#
_cell.length_a   44.864
_cell.length_b   44.864
_cell.length_c   147.910
_cell.angle_alpha   90.000
_cell.angle_beta   90.000
_cell.angle_gamma   120.000
#
_symmetry.space_group_name_H-M   'P 31 2 1'
#
loop_
_entity.id
_entity.type
_entity.pdbx_description
1 polymer 'msDPBB_sym2 protein'
2 water water
#
_entity_poly.entity_id   1
_entity_poly.type   'polypeptide(L)'
_entity_poly.pdbx_seq_one_letter_code
;GPSSVIARVALAHEDDVGKNIVRMDEELMRLLGVKVGDLVEIMKVSSVIARVALAHEDDVGKNIVRMDEELMRLLGVKVG
DLVEIMKV
;
_entity_poly.pdbx_strand_id   B,A
#
# COMPACT_ATOMS: atom_id res chain seq x y z
N SER A 3 -7.60 26.59 -7.50
CA SER A 3 -6.52 26.74 -6.54
C SER A 3 -5.76 25.44 -6.40
N SER A 4 -4.41 25.45 -6.41
CA SER A 4 -3.73 24.17 -6.34
C SER A 4 -2.43 24.27 -5.56
N VAL A 5 -2.02 23.12 -5.04
CA VAL A 5 -0.72 22.94 -4.39
C VAL A 5 -0.04 21.72 -4.99
N ILE A 6 1.27 21.60 -4.76
CA ILE A 6 2.07 20.48 -5.26
C ILE A 6 2.52 19.67 -4.04
N ALA A 7 2.34 18.37 -4.10
CA ALA A 7 2.78 17.53 -2.99
C ALA A 7 3.39 16.26 -3.55
N ARG A 8 4.22 15.61 -2.73
CA ARG A 8 4.79 14.33 -3.09
C ARG A 8 3.94 13.20 -2.54
N VAL A 9 3.77 12.16 -3.34
CA VAL A 9 2.88 11.07 -3.00
C VAL A 9 3.56 10.19 -1.97
N ALA A 10 2.85 9.86 -0.89
CA ALA A 10 3.29 8.92 0.13
C ALA A 10 2.16 7.95 0.44
N LEU A 11 2.54 6.81 1.00
CA LEU A 11 1.62 5.71 1.24
C LEU A 11 0.85 5.91 2.54
N ALA A 12 -0.49 5.82 2.46
CA ALA A 12 -1.32 5.91 3.65
C ALA A 12 -0.94 4.83 4.67
N HIS A 13 -1.14 5.16 5.93
CA HIS A 13 -0.94 4.22 7.05
C HIS A 13 -2.01 3.14 6.92
N GLU A 14 -1.75 1.92 7.36
CA GLU A 14 -2.72 0.82 7.13
C GLU A 14 -3.91 0.83 8.10
N ASP A 15 -3.97 1.74 9.06
CA ASP A 15 -5.24 1.77 9.81
C ASP A 15 -6.06 2.96 9.26
N ASP A 16 -5.45 3.81 8.44
CA ASP A 16 -6.19 4.92 7.77
C ASP A 16 -7.34 4.30 6.96
N VAL A 17 -8.60 4.63 7.29
CA VAL A 17 -9.78 4.10 6.55
C VAL A 17 -10.19 5.14 5.51
N GLY A 18 -10.71 4.68 4.39
CA GLY A 18 -11.13 5.57 3.31
C GLY A 18 -10.26 5.36 2.10
N LYS A 19 -10.63 4.45 1.25
CA LYS A 19 -9.78 4.23 0.09
C LYS A 19 -9.73 5.49 -0.78
N ASN A 20 -10.77 6.33 -0.73
CA ASN A 20 -10.76 7.56 -1.51
C ASN A 20 -10.46 8.80 -0.66
N ILE A 21 -9.85 8.63 0.51
CA ILE A 21 -9.46 9.74 1.37
C ILE A 21 -7.96 9.96 1.21
N VAL A 22 -7.56 11.18 0.92
CA VAL A 22 -6.16 11.53 0.93
C VAL A 22 -5.93 12.44 2.14
N ARG A 23 -4.68 12.41 2.67
CA ARG A 23 -4.38 13.05 3.93
C ARG A 23 -3.26 14.06 3.71
N MET A 24 -3.53 15.30 4.13
CA MET A 24 -2.67 16.47 3.95
C MET A 24 -2.55 17.19 5.28
N ASP A 25 -1.40 17.81 5.54
CA ASP A 25 -1.23 18.50 6.82
C ASP A 25 -2.04 19.79 6.85
N GLU A 26 -2.33 20.25 8.07
CA GLU A 26 -3.19 21.42 8.24
C GLU A 26 -2.68 22.65 7.46
N GLU A 27 -1.39 22.95 7.53
CA GLU A 27 -0.89 24.14 6.83
C GLU A 27 -1.17 24.04 5.34
N LEU A 28 -0.93 22.87 4.77
CA LEU A 28 -1.10 22.71 3.34
C LEU A 28 -2.59 22.78 2.95
N MET A 29 -3.47 22.15 3.74
CA MET A 29 -4.90 22.30 3.50
C MET A 29 -5.33 23.75 3.59
N ARG A 30 -4.79 24.50 4.57
CA ARG A 30 -5.17 25.90 4.73
C ARG A 30 -4.78 26.71 3.50
N LEU A 31 -3.57 26.48 3.01
CA LEU A 31 -3.08 27.17 1.81
C LEU A 31 -3.93 26.84 0.59
N LEU A 32 -4.23 25.55 0.39
CA LEU A 32 -5.11 25.18 -0.71
C LEU A 32 -6.52 25.73 -0.54
N GLY A 33 -6.92 25.97 0.70
CA GLY A 33 -8.26 26.51 0.97
C GLY A 33 -9.29 25.40 1.05
N VAL A 34 -8.91 24.25 1.56
CA VAL A 34 -9.89 23.14 1.74
C VAL A 34 -10.02 22.87 3.23
N LYS A 35 -11.16 22.32 3.59
CA LYS A 35 -11.43 21.88 4.97
C LYS A 35 -11.63 20.36 4.92
N VAL A 36 -11.62 19.73 6.08
CA VAL A 36 -11.78 18.26 6.13
C VAL A 36 -13.06 17.82 5.42
N GLY A 37 -12.93 16.86 4.50
CA GLY A 37 -14.09 16.31 3.79
C GLY A 37 -14.32 16.90 2.41
N ASP A 38 -13.58 17.93 2.05
CA ASP A 38 -13.78 18.57 0.72
C ASP A 38 -13.27 17.65 -0.40
N LEU A 39 -13.87 17.78 -1.57
CA LEU A 39 -13.37 17.10 -2.76
C LEU A 39 -12.17 17.87 -3.33
N VAL A 40 -11.16 17.12 -3.81
CA VAL A 40 -10.00 17.69 -4.48
C VAL A 40 -9.74 16.79 -5.66
N GLU A 41 -9.14 17.36 -6.70
CA GLU A 41 -8.70 16.62 -7.87
C GLU A 41 -7.18 16.47 -7.80
N ILE A 42 -6.70 15.25 -8.05
CA ILE A 42 -5.27 14.94 -7.97
C ILE A 42 -4.82 14.47 -9.34
N MET A 43 -3.78 15.11 -9.87
CA MET A 43 -3.34 14.90 -11.24
C MET A 43 -1.85 14.64 -11.32
N LYS A 44 -1.49 13.78 -12.28
CA LYS A 44 -0.15 13.72 -12.83
C LYS A 44 -0.32 13.72 -14.34
N VAL A 45 -0.66 12.59 -14.96
CA VAL A 45 -1.07 12.54 -16.36
C VAL A 45 -2.56 12.24 -16.47
N SER A 46 -3.02 11.22 -15.76
CA SER A 46 -4.44 11.03 -15.51
C SER A 46 -4.88 11.94 -14.36
N SER A 47 -6.14 11.81 -13.95
CA SER A 47 -6.66 12.56 -12.81
C SER A 47 -7.68 11.71 -12.08
N VAL A 48 -7.87 12.03 -10.80
CA VAL A 48 -8.75 11.32 -9.89
C VAL A 48 -9.27 12.35 -8.91
N ILE A 49 -10.52 12.21 -8.48
CA ILE A 49 -11.10 13.10 -7.48
C ILE A 49 -11.26 12.31 -6.18
N ALA A 50 -10.80 12.88 -5.07
CA ALA A 50 -10.76 12.20 -3.78
C ALA A 50 -11.28 13.17 -2.74
N ARG A 51 -11.39 12.73 -1.49
CA ARG A 51 -11.80 13.64 -0.42
C ARG A 51 -10.60 13.82 0.50
N VAL A 52 -10.49 14.96 1.16
CA VAL A 52 -9.31 15.31 1.97
C VAL A 52 -9.58 15.15 3.46
N ALA A 53 -8.56 14.68 4.19
CA ALA A 53 -8.62 14.57 5.67
C ALA A 53 -7.27 14.98 6.24
N LEU A 54 -7.24 15.30 7.52
CA LEU A 54 -6.00 15.79 8.16
C LEU A 54 -4.93 14.72 8.22
N ALA A 55 -3.69 15.15 7.91
CA ALA A 55 -2.48 14.32 7.98
C ALA A 55 -2.28 13.92 9.43
N HIS A 56 -1.37 12.99 9.71
CA HIS A 56 -1.06 12.53 11.10
C HIS A 56 -0.33 13.51 12.04
N GLU A 57 -0.17 14.79 11.63
CA GLU A 57 0.36 15.94 12.45
C GLU A 57 1.81 16.34 12.14
N ASP A 58 2.68 15.34 12.19
CA ASP A 58 4.10 15.67 11.97
C ASP A 58 4.23 16.23 10.55
N ASP A 59 3.69 15.49 9.59
CA ASP A 59 3.77 15.77 8.14
C ASP A 59 3.78 17.25 7.73
N VAL A 60 3.90 18.21 8.66
CA VAL A 60 3.73 19.61 8.17
C VAL A 60 4.89 20.12 7.31
N GLY A 61 6.10 19.62 7.47
CA GLY A 61 7.11 20.27 6.60
C GLY A 61 7.18 19.59 5.25
N LYS A 62 6.93 18.28 5.26
CA LYS A 62 7.10 17.32 4.13
C LYS A 62 6.40 17.72 2.84
N ASN A 63 5.25 18.35 2.92
CA ASN A 63 4.50 18.66 1.67
C ASN A 63 4.22 17.32 0.97
N ILE A 64 3.67 16.39 1.74
CA ILE A 64 3.29 15.06 1.15
C ILE A 64 1.76 14.96 1.16
N VAL A 65 1.25 14.05 0.33
CA VAL A 65 -0.19 13.71 0.31
C VAL A 65 -0.23 12.21 0.51
N ARG A 66 -0.85 11.73 1.58
CA ARG A 66 -0.89 10.28 1.83
C ARG A 66 -2.11 9.68 1.16
N MET A 67 -1.93 8.56 0.45
CA MET A 67 -2.90 7.95 -0.42
C MET A 67 -2.88 6.44 -0.20
N ASP A 68 -4.04 5.81 -0.39
CA ASP A 68 -4.10 4.37 -0.45
C ASP A 68 -3.41 3.86 -1.72
N GLU A 69 -2.80 2.67 -1.64
CA GLU A 69 -2.06 2.12 -2.78
C GLU A 69 -2.96 1.97 -4.00
N GLU A 70 -4.23 1.61 -3.79
CA GLU A 70 -5.07 1.45 -4.96
C GLU A 70 -5.40 2.77 -5.63
N LEU A 71 -5.56 3.84 -4.85
CA LEU A 71 -5.84 5.17 -5.47
C LEU A 71 -4.63 5.58 -6.29
N MET A 72 -3.44 5.29 -5.78
CA MET A 72 -2.21 5.56 -6.56
C MET A 72 -2.28 4.77 -7.88
N ARG A 73 -2.68 3.52 -7.82
CA ARG A 73 -2.75 2.71 -9.06
C ARG A 73 -3.79 3.31 -10.00
N LEU A 74 -4.91 3.78 -9.46
CA LEU A 74 -5.94 4.36 -10.35
C LEU A 74 -5.38 5.59 -11.04
N LEU A 75 -4.63 6.43 -10.32
CA LEU A 75 -4.15 7.67 -10.89
C LEU A 75 -2.97 7.43 -11.80
N GLY A 76 -2.30 6.28 -11.64
CA GLY A 76 -1.06 6.01 -12.31
C GLY A 76 0.18 6.60 -11.65
N VAL A 77 0.27 6.61 -10.32
CA VAL A 77 1.42 7.19 -9.63
C VAL A 77 2.01 6.21 -8.63
N LYS A 78 3.27 6.45 -8.23
CA LYS A 78 3.91 5.67 -7.19
C LYS A 78 4.45 6.59 -6.10
N VAL A 79 4.75 5.99 -4.94
CA VAL A 79 5.28 6.73 -3.81
C VAL A 79 6.52 7.48 -4.28
N GLY A 80 6.56 8.79 -4.04
CA GLY A 80 7.65 9.64 -4.50
C GLY A 80 7.25 10.61 -5.63
N ASP A 81 6.23 10.28 -6.40
CA ASP A 81 5.81 11.14 -7.50
C ASP A 81 5.28 12.48 -6.98
N LEU A 82 5.51 13.54 -7.76
CA LEU A 82 4.83 14.80 -7.50
C LEU A 82 3.46 14.77 -8.14
N VAL A 83 2.45 15.27 -7.43
CA VAL A 83 1.10 15.46 -7.96
C VAL A 83 0.68 16.88 -7.66
N GLU A 84 -0.24 17.38 -8.49
CA GLU A 84 -0.95 18.62 -8.22
C GLU A 84 -2.30 18.33 -7.60
N ILE A 85 -2.65 19.06 -6.54
CA ILE A 85 -3.91 18.87 -5.83
C ILE A 85 -4.69 20.15 -5.94
N MET A 86 -5.86 20.09 -6.52
CA MET A 86 -6.60 21.29 -6.84
C MET A 86 -8.02 21.20 -6.27
N LYS A 87 -8.49 22.32 -5.75
CA LYS A 87 -9.84 22.26 -5.23
C LYS A 87 -10.82 22.31 -6.39
N VAL A 88 -11.74 21.35 -6.34
CA VAL A 88 -12.70 21.10 -7.42
C VAL A 88 -14.10 21.64 -7.06
N SER B 3 16.05 -11.35 -9.27
CA SER B 3 15.95 -11.44 -7.83
C SER B 3 14.75 -12.29 -7.38
N SER B 4 14.94 -12.99 -6.29
CA SER B 4 13.87 -13.69 -5.62
C SER B 4 14.30 -13.83 -4.17
N VAL B 5 13.35 -14.25 -3.32
CA VAL B 5 13.65 -14.53 -1.91
C VAL B 5 12.82 -15.75 -1.52
N ILE B 6 13.25 -16.39 -0.42
CA ILE B 6 12.59 -17.57 0.11
C ILE B 6 11.99 -17.22 1.46
N ALA B 7 10.86 -17.84 1.79
CA ALA B 7 10.16 -17.47 3.00
C ALA B 7 9.30 -18.65 3.45
N ARG B 8 8.95 -18.64 4.72
CA ARG B 8 8.03 -19.63 5.27
C ARG B 8 6.64 -19.04 5.39
N VAL B 9 5.66 -19.87 5.15
CA VAL B 9 4.28 -19.44 5.00
C VAL B 9 3.51 -19.59 6.31
N ALA B 10 2.66 -18.62 6.61
CA ALA B 10 1.83 -18.61 7.79
C ALA B 10 0.41 -18.18 7.41
N LEU B 11 -0.57 -18.60 8.18
CA LEU B 11 -1.93 -18.25 7.75
C LEU B 11 -2.22 -16.79 8.07
N ALA B 12 -3.08 -16.22 7.24
CA ALA B 12 -3.43 -14.79 7.32
C ALA B 12 -4.24 -14.51 8.58
N HIS B 13 -4.20 -13.27 9.06
CA HIS B 13 -5.03 -12.88 10.22
C HIS B 13 -6.49 -12.85 9.76
N GLU B 14 -7.45 -12.98 10.67
CA GLU B 14 -8.89 -13.08 10.30
C GLU B 14 -9.37 -11.91 9.44
N ASP B 15 -8.89 -10.69 9.67
CA ASP B 15 -9.33 -9.49 8.90
C ASP B 15 -8.73 -9.43 7.49
N ASP B 16 -7.83 -10.34 7.10
CA ASP B 16 -7.26 -10.33 5.73
C ASP B 16 -7.81 -11.53 4.96
N VAL B 17 -8.49 -12.43 5.65
CA VAL B 17 -9.04 -13.63 4.96
C VAL B 17 -9.98 -13.12 3.87
N GLY B 18 -9.84 -13.65 2.66
CA GLY B 18 -10.72 -13.18 1.58
C GLY B 18 -10.04 -12.18 0.68
N LYS B 19 -8.86 -11.68 1.07
CA LYS B 19 -8.21 -10.74 0.12
C LYS B 19 -7.01 -11.43 -0.55
N ASN B 20 -6.69 -11.00 -1.77
CA ASN B 20 -5.60 -11.54 -2.60
C ASN B 20 -4.28 -10.84 -2.26
N ILE B 21 -3.86 -10.97 -1.02
CA ILE B 21 -2.61 -10.29 -0.66
C ILE B 21 -1.70 -11.28 0.06
N VAL B 22 -0.42 -10.99 -0.01
CA VAL B 22 0.60 -11.67 0.81
C VAL B 22 1.26 -10.62 1.67
N ARG B 23 1.25 -10.85 2.98
CA ARG B 23 1.81 -9.88 3.95
C ARG B 23 3.28 -10.20 4.19
N MET B 24 4.11 -9.20 4.01
CA MET B 24 5.55 -9.35 4.06
C MET B 24 6.14 -8.33 4.99
N ASP B 25 7.21 -8.71 5.67
CA ASP B 25 7.99 -7.76 6.43
C ASP B 25 8.63 -6.75 5.49
N GLU B 26 8.69 -5.50 5.94
CA GLU B 26 9.30 -4.50 5.08
C GLU B 26 10.75 -4.85 4.75
N GLU B 27 11.47 -5.57 5.63
CA GLU B 27 12.84 -5.92 5.30
C GLU B 27 12.89 -7.00 4.24
N LEU B 28 11.91 -7.88 4.23
CA LEU B 28 11.88 -8.90 3.17
C LEU B 28 11.53 -8.20 1.85
N MET B 29 10.64 -7.21 1.92
CA MET B 29 10.24 -6.44 0.73
C MET B 29 11.47 -5.75 0.16
N ARG B 30 12.32 -5.16 1.00
CA ARG B 30 13.52 -4.46 0.49
C ARG B 30 14.46 -5.47 -0.13
N LEU B 31 14.56 -6.65 0.46
CA LEU B 31 15.52 -7.58 -0.13
C LEU B 31 15.00 -8.03 -1.49
N LEU B 32 13.70 -8.22 -1.68
CA LEU B 32 13.18 -8.61 -3.01
C LEU B 32 13.10 -7.38 -3.92
N GLY B 33 13.01 -6.18 -3.36
CA GLY B 33 12.88 -5.01 -4.21
C GLY B 33 11.45 -4.72 -4.63
N VAL B 34 10.47 -5.03 -3.79
CA VAL B 34 9.08 -4.73 -4.06
C VAL B 34 8.60 -3.73 -3.04
N LYS B 35 7.43 -3.19 -3.29
CA LYS B 35 6.78 -2.25 -2.35
C LYS B 35 5.30 -2.62 -2.22
N VAL B 36 4.63 -1.98 -1.30
CA VAL B 36 3.22 -2.31 -1.08
C VAL B 36 2.48 -2.15 -2.39
N GLY B 37 1.54 -3.06 -2.65
CA GLY B 37 0.72 -2.99 -3.83
C GLY B 37 1.30 -3.69 -5.04
N ASP B 38 2.59 -4.05 -5.02
CA ASP B 38 3.19 -4.76 -6.14
C ASP B 38 2.61 -6.17 -6.24
N LEU B 39 2.53 -6.65 -7.46
CA LEU B 39 2.07 -8.03 -7.71
C LEU B 39 3.29 -8.96 -7.60
N VAL B 40 3.16 -10.08 -6.92
CA VAL B 40 4.29 -11.02 -6.87
C VAL B 40 3.78 -12.42 -7.18
N GLU B 41 4.68 -13.26 -7.65
CA GLU B 41 4.40 -14.68 -7.91
C GLU B 41 4.99 -15.46 -6.74
N ILE B 42 4.16 -16.24 -6.05
CA ILE B 42 4.60 -17.11 -4.93
C ILE B 42 4.64 -18.53 -5.49
N MET B 43 5.75 -19.21 -5.32
CA MET B 43 6.00 -20.46 -6.02
C MET B 43 6.42 -21.56 -5.06
N LYS B 44 5.95 -22.76 -5.33
CA LYS B 44 6.43 -23.92 -4.60
C LYS B 44 6.97 -24.89 -5.66
N VAL B 45 6.05 -25.57 -6.31
CA VAL B 45 6.27 -26.12 -7.64
C VAL B 45 5.51 -25.32 -8.69
N SER B 46 4.20 -25.21 -8.50
CA SER B 46 3.33 -24.35 -9.29
C SER B 46 3.35 -22.95 -8.67
N SER B 47 2.44 -22.09 -9.13
CA SER B 47 2.46 -20.68 -8.71
C SER B 47 1.09 -20.14 -8.33
N VAL B 48 1.13 -19.04 -7.60
CA VAL B 48 -0.05 -18.22 -7.27
C VAL B 48 0.39 -16.77 -7.34
N ILE B 49 -0.54 -15.90 -7.66
CA ILE B 49 -0.25 -14.45 -7.77
C ILE B 49 -0.98 -13.74 -6.64
N ALA B 50 -0.30 -12.79 -6.03
CA ALA B 50 -0.92 -11.96 -4.99
C ALA B 50 -0.26 -10.58 -4.97
N ARG B 51 -0.93 -9.65 -4.28
CA ARG B 51 -0.48 -8.28 -4.07
C ARG B 51 0.26 -8.19 -2.75
N VAL B 52 1.42 -7.56 -2.78
CA VAL B 52 2.23 -7.36 -1.59
C VAL B 52 1.51 -6.40 -0.66
N ALA B 53 1.36 -6.80 0.61
CA ALA B 53 0.95 -5.86 1.65
C ALA B 53 1.92 -5.92 2.83
N LEU B 54 1.94 -4.86 3.63
CA LEU B 54 2.91 -4.76 4.72
C LEU B 54 2.52 -5.68 5.89
N ALA B 55 3.50 -6.38 6.45
CA ALA B 55 3.26 -7.19 7.65
C ALA B 55 2.60 -6.33 8.73
N HIS B 56 1.78 -6.97 9.54
CA HIS B 56 1.28 -6.27 10.70
C HIS B 56 2.41 -5.98 11.67
N GLU B 57 2.24 -4.85 12.37
CA GLU B 57 3.20 -4.21 13.27
C GLU B 57 3.95 -5.23 14.12
N ASP B 58 3.11 -5.97 14.84
CA ASP B 58 3.52 -6.91 15.88
C ASP B 58 3.86 -8.29 15.33
N ASP B 59 3.94 -8.46 14.02
CA ASP B 59 4.34 -9.77 13.48
C ASP B 59 5.85 -9.68 13.34
N VAL B 60 6.61 -10.49 14.08
CA VAL B 60 8.09 -10.29 14.05
C VAL B 60 8.82 -11.32 13.20
N GLY B 61 8.18 -12.35 12.68
CA GLY B 61 8.97 -13.26 11.83
C GLY B 61 9.33 -12.55 10.54
N LYS B 62 10.58 -12.14 10.39
CA LYS B 62 11.01 -11.35 9.22
C LYS B 62 11.02 -12.17 7.92
N ASN B 63 11.10 -13.49 8.00
CA ASN B 63 11.08 -14.30 6.75
C ASN B 63 9.79 -15.11 6.71
N ILE B 64 8.74 -14.62 7.37
CA ILE B 64 7.42 -15.23 7.36
C ILE B 64 6.52 -14.38 6.46
N VAL B 65 5.82 -15.01 5.52
CA VAL B 65 4.78 -14.33 4.72
C VAL B 65 3.43 -14.94 5.05
N ARG B 66 2.41 -14.09 5.23
CA ARG B 66 1.08 -14.57 5.59
C ARG B 66 0.19 -14.66 4.35
N MET B 67 -0.50 -15.79 4.21
CA MET B 67 -1.36 -16.01 3.03
C MET B 67 -2.70 -16.55 3.47
N ASP B 68 -3.72 -16.31 2.65
CA ASP B 68 -5.11 -16.80 2.86
C ASP B 68 -5.11 -18.33 2.86
N GLU B 69 -5.97 -18.93 3.66
CA GLU B 69 -6.03 -20.40 3.66
C GLU B 69 -6.41 -20.89 2.26
N GLU B 70 -7.34 -20.26 1.56
CA GLU B 70 -7.65 -20.71 0.19
C GLU B 70 -6.42 -20.62 -0.71
N LEU B 71 -5.71 -19.51 -0.62
CA LEU B 71 -4.54 -19.31 -1.51
C LEU B 71 -3.51 -20.41 -1.22
N MET B 72 -3.43 -20.81 0.04
CA MET B 72 -2.44 -21.86 0.40
C MET B 72 -2.88 -23.18 -0.21
N ARG B 73 -4.18 -23.47 -0.18
CA ARG B 73 -4.64 -24.74 -0.78
C ARG B 73 -4.37 -24.72 -2.28
N LEU B 74 -4.53 -23.56 -2.93
CA LEU B 74 -4.25 -23.51 -4.37
C LEU B 74 -2.82 -23.88 -4.67
N LEU B 75 -1.88 -23.30 -3.92
CA LEU B 75 -0.47 -23.48 -4.22
C LEU B 75 0.00 -24.87 -3.82
N GLY B 76 -0.69 -25.49 -2.86
CA GLY B 76 -0.24 -26.77 -2.37
C GLY B 76 0.71 -26.66 -1.19
N VAL B 77 0.47 -25.70 -0.28
CA VAL B 77 1.35 -25.52 0.87
C VAL B 77 0.51 -25.49 2.13
N LYS B 78 1.17 -25.87 3.23
CA LYS B 78 0.64 -25.77 4.57
C LYS B 78 1.56 -24.85 5.37
N VAL B 79 1.09 -24.42 6.55
CA VAL B 79 1.87 -23.56 7.43
C VAL B 79 3.23 -24.18 7.69
N GLY B 80 4.31 -23.40 7.57
CA GLY B 80 5.68 -23.89 7.74
C GLY B 80 6.45 -24.09 6.45
N ASP B 81 5.76 -24.30 5.31
CA ASP B 81 6.42 -24.66 4.07
C ASP B 81 7.27 -23.49 3.56
N LEU B 82 8.28 -23.83 2.75
CA LEU B 82 9.16 -22.82 2.14
C LEU B 82 8.57 -22.46 0.76
N VAL B 83 8.44 -21.18 0.48
CA VAL B 83 8.08 -20.71 -0.85
C VAL B 83 9.15 -19.74 -1.34
N GLU B 84 9.15 -19.54 -2.65
CA GLU B 84 10.05 -18.61 -3.31
C GLU B 84 9.17 -17.53 -3.92
N ILE B 85 9.53 -16.26 -3.69
CA ILE B 85 8.73 -15.13 -4.10
C ILE B 85 9.50 -14.28 -5.10
N MET B 86 8.81 -13.91 -6.18
CA MET B 86 9.48 -13.05 -7.16
C MET B 86 8.50 -12.00 -7.66
N LYS B 87 9.09 -10.87 -8.04
CA LYS B 87 8.33 -9.76 -8.60
C LYS B 87 7.89 -10.12 -10.00
N VAL B 88 6.63 -9.89 -10.28
CA VAL B 88 6.08 -10.37 -11.53
C VAL B 88 5.67 -9.23 -12.44
#